data_6KAW
#
_entry.id   6KAW
#
_cell.length_a   76.016
_cell.length_b   76.016
_cell.length_c   190.282
_cell.angle_alpha   90.00
_cell.angle_beta   90.00
_cell.angle_gamma   90.00
#
_symmetry.space_group_name_H-M   'P 43 21 2'
#
loop_
_entity.id
_entity.type
_entity.pdbx_description
1 polymer CghA
2 water water
#
_entity_poly.entity_id   1
_entity_poly.type   'polypeptide(L)'
_entity_poly.pdbx_seq_one_letter_code
;MAAAPFISLLQGDQFLADTPIPGSAVIPNSGNLFPKWADKLSPTAVETWLFDAMAEDGSAAFTVSFFRDGSQAPASFRAA
INAAWSDGTVWSQHLVVPVSVVTSDGPDVGHGHVAGVWRTEEPQSNDTTRTTASFDVAADLSTTTVVFDAPGRITGSLTH
RSLGYPTLPQSDREAEVAPGAYWFRPIAMANATVDLTFHIDDPTNPDKKTEKRMVLGPEQGAFGGMDRSWLPMVWGKEAT
DALFVRAQAGPYVMAVMRLVSKPHKYYQNTVNAALYRDGKIVSNALRSLPPDRRDTAATADAVRTEKLYDGDGLVAKYRD
KNVGYRLEFRSAGPEREKWSFDLRHHQAWWAKPTSRPGPDGTGNSGFVVEVTGGLVGSEESVHGWGMTGEVELSDGHHHH
HHHHH
;
_entity_poly.pdbx_strand_id   A
#
# COMPACT_ATOMS: atom_id res chain seq x y z
N PRO A 5 -11.16 17.31 20.98
CA PRO A 5 -10.50 16.31 20.12
C PRO A 5 -11.47 15.65 19.15
N PHE A 6 -11.15 15.73 17.85
CA PHE A 6 -11.97 15.11 16.83
C PHE A 6 -12.02 13.61 17.00
N ILE A 7 -13.23 13.06 16.94
CA ILE A 7 -13.42 11.64 17.16
C ILE A 7 -14.36 11.04 16.12
N SER A 8 -13.92 9.97 15.48
CA SER A 8 -14.79 9.19 14.61
C SER A 8 -14.91 7.78 15.18
N LEU A 9 -16.05 7.48 15.77
CA LEU A 9 -16.26 6.22 16.46
C LEU A 9 -17.33 5.39 15.78
N LEU A 10 -16.91 4.25 15.22
CA LEU A 10 -17.85 3.35 14.57
C LEU A 10 -17.96 2.07 15.35
N GLN A 11 -19.18 1.68 15.71
CA GLN A 11 -19.40 0.47 16.48
C GLN A 11 -20.87 0.03 16.43
N GLY A 12 -21.15 -1.11 17.03
CA GLY A 12 -22.50 -1.63 17.05
C GLY A 12 -22.94 -2.06 15.68
N ASP A 13 -24.24 -1.97 15.41
CA ASP A 13 -24.81 -2.50 14.18
C ASP A 13 -25.54 -1.45 13.35
N GLN A 14 -25.28 -0.18 13.63
CA GLN A 14 -25.91 0.91 12.92
C GLN A 14 -24.90 1.97 12.47
N PHE A 15 -23.70 1.56 12.12
CA PHE A 15 -22.66 2.51 11.69
C PHE A 15 -22.77 2.80 10.19
N LEU A 16 -23.48 1.93 9.48
CA LEU A 16 -23.61 2.02 8.03
C LEU A 16 -24.68 3.02 7.60
N ALA A 17 -24.39 3.79 6.57
CA ALA A 17 -25.37 4.73 6.03
C ALA A 17 -26.36 3.98 5.13
N ASP A 18 -27.52 4.57 4.92
CA ASP A 18 -28.57 3.92 4.15
C ASP A 18 -28.34 4.07 2.65
N THR A 19 -27.79 5.22 2.26
CA THR A 19 -27.39 5.44 0.88
C THR A 19 -25.90 5.71 0.85
N PRO A 20 -25.25 5.52 -0.31
CA PRO A 20 -23.86 5.93 -0.45
C PRO A 20 -23.67 7.44 -0.33
N ILE A 21 -23.57 7.92 0.90
CA ILE A 21 -23.37 9.34 1.17
C ILE A 21 -21.95 9.75 0.81
N PRO A 22 -21.73 11.05 0.53
CA PRO A 22 -20.39 11.49 0.12
C PRO A 22 -19.40 11.50 1.29
N GLY A 23 -18.11 11.43 0.96
CA GLY A 23 -17.08 11.60 1.97
C GLY A 23 -16.63 13.05 1.99
N SER A 24 -15.94 13.45 3.06
CA SER A 24 -15.45 14.82 3.13
C SER A 24 -14.29 15.03 2.16
N ALA A 25 -13.94 16.29 1.92
CA ALA A 25 -13.02 16.64 0.85
C ALA A 25 -11.55 16.38 1.16
N VAL A 26 -10.75 16.28 0.09
CA VAL A 26 -9.31 16.22 0.22
C VAL A 26 -8.81 17.50 0.88
N ILE A 27 -7.93 17.34 1.86
CA ILE A 27 -7.24 18.49 2.45
C ILE A 27 -5.85 18.62 1.84
N PRO A 28 -5.58 19.73 1.15
CA PRO A 28 -4.26 19.92 0.55
C PRO A 28 -3.13 19.98 1.58
N ASN A 29 -1.95 19.49 1.21
CA ASN A 29 -0.77 19.50 2.07
C ASN A 29 -1.06 18.89 3.44
N SER A 30 -1.75 17.76 3.45
CA SER A 30 -2.09 17.08 4.69
C SER A 30 -2.02 15.57 4.48
N GLY A 31 -1.79 14.85 5.57
CA GLY A 31 -1.87 13.41 5.54
C GLY A 31 -3.30 12.90 5.37
N ASN A 32 -4.27 13.77 5.64
CA ASN A 32 -5.68 13.41 5.51
C ASN A 32 -6.05 12.18 6.34
N LEU A 33 -5.39 12.02 7.48
CA LEU A 33 -5.51 10.80 8.27
C LEU A 33 -6.85 10.64 8.98
N PHE A 34 -7.54 11.74 9.28
CA PHE A 34 -8.88 11.61 9.86
C PHE A 34 -9.85 11.04 8.81
N PRO A 35 -10.74 10.13 9.22
CA PRO A 35 -11.68 9.45 8.33
C PRO A 35 -12.54 10.41 7.50
N LYS A 36 -12.83 10.04 6.26
CA LYS A 36 -13.61 10.89 5.36
C LYS A 36 -15.09 10.62 5.54
N TRP A 37 -15.41 9.47 6.10
CA TRP A 37 -16.76 9.15 6.53
C TRP A 37 -16.75 9.07 8.05
N ALA A 38 -16.80 10.24 8.69
CA ALA A 38 -16.57 10.38 10.12
C ALA A 38 -17.62 9.72 11.01
N ASP A 39 -18.90 9.95 10.71
CA ASP A 39 -19.97 9.50 11.60
C ASP A 39 -20.73 8.30 11.08
N LYS A 40 -21.06 8.30 9.79
CA LYS A 40 -21.70 7.16 9.16
C LYS A 40 -20.88 6.70 7.96
N LEU A 41 -20.65 5.40 7.85
CA LEU A 41 -19.85 4.87 6.76
C LEU A 41 -20.72 4.44 5.58
N SER A 42 -20.44 5.01 4.41
CA SER A 42 -21.13 4.63 3.18
C SER A 42 -20.96 3.15 2.89
N PRO A 43 -22.02 2.50 2.39
CA PRO A 43 -22.01 1.06 2.14
C PRO A 43 -21.14 0.64 0.96
N THR A 44 -20.69 1.59 0.15
CA THR A 44 -19.81 1.23 -0.96
C THR A 44 -18.40 1.80 -0.80
N ALA A 45 -18.11 2.42 0.34
CA ALA A 45 -16.82 3.05 0.54
C ALA A 45 -15.84 2.14 1.26
N VAL A 46 -14.56 2.43 1.10
CA VAL A 46 -13.52 1.78 1.90
C VAL A 46 -12.43 2.79 2.24
N GLU A 47 -12.06 2.85 3.51
CA GLU A 47 -10.94 3.68 3.95
C GLU A 47 -9.79 2.77 4.41
N THR A 48 -8.56 3.18 4.09
CA THR A 48 -7.39 2.37 4.37
C THR A 48 -6.24 3.16 4.99
N TRP A 49 -5.70 2.62 6.09
CA TRP A 49 -4.48 3.13 6.70
C TRP A 49 -3.42 2.03 6.64
N LEU A 50 -2.37 2.22 5.84
CA LEU A 50 -1.39 1.15 5.65
C LEU A 50 -0.06 1.45 6.30
N PHE A 51 0.53 0.46 6.96
CA PHE A 51 1.85 0.60 7.58
C PHE A 51 2.67 -0.64 7.23
N ASP A 52 3.90 -0.46 6.79
CA ASP A 52 4.69 -1.64 6.44
C ASP A 52 6.16 -1.49 6.80
N ALA A 53 6.89 -2.61 6.71
CA ALA A 53 8.32 -2.62 7.01
C ALA A 53 8.96 -3.83 6.36
N MET A 54 10.17 -3.66 5.85
CA MET A 54 10.92 -4.82 5.39
C MET A 54 12.42 -4.64 5.59
N ALA A 55 13.12 -5.75 5.62
CA ALA A 55 14.56 -5.75 5.75
C ALA A 55 15.20 -5.22 4.47
N GLU A 56 16.32 -4.53 4.60
CA GLU A 56 16.95 -3.95 3.41
C GLU A 56 17.50 -5.01 2.46
N ASP A 57 17.65 -6.24 2.96
CA ASP A 57 18.15 -7.36 2.16
C ASP A 57 17.06 -8.36 1.78
N GLY A 58 15.81 -8.01 2.06
CA GLY A 58 14.68 -8.86 1.72
C GLY A 58 14.48 -10.06 2.64
N SER A 59 15.14 -10.07 3.80
CA SER A 59 15.11 -11.23 4.68
C SER A 59 13.85 -11.31 5.51
N ALA A 60 13.05 -10.25 5.47
CA ALA A 60 11.79 -10.19 6.20
C ALA A 60 10.93 -9.08 5.62
N ALA A 61 9.63 -9.23 5.75
CA ALA A 61 8.69 -8.23 5.26
C ALA A 61 7.42 -8.28 6.08
N PHE A 62 6.81 -7.12 6.26
CA PHE A 62 5.62 -7.02 7.08
C PHE A 62 4.75 -5.91 6.56
N THR A 63 3.44 -6.15 6.53
CA THR A 63 2.53 -5.07 6.19
C THR A 63 1.21 -5.27 6.89
N VAL A 64 0.61 -4.17 7.31
CA VAL A 64 -0.71 -4.21 7.90
C VAL A 64 -1.55 -3.12 7.26
N SER A 65 -2.80 -3.45 6.92
CA SER A 65 -3.74 -2.45 6.46
C SER A 65 -4.92 -2.39 7.40
N PHE A 66 -5.17 -1.22 7.97
CA PHE A 66 -6.34 -0.98 8.79
C PHE A 66 -7.49 -0.53 7.88
N PHE A 67 -8.54 -1.36 7.84
CA PHE A 67 -9.66 -1.15 6.93
C PHE A 67 -10.95 -0.70 7.63
N ARG A 68 -11.69 0.16 6.94
CA ARG A 68 -13.11 0.36 7.17
C ARG A 68 -13.77 0.17 5.81
N ASP A 69 -14.38 -1.00 5.61
CA ASP A 69 -14.95 -1.37 4.32
C ASP A 69 -16.47 -1.53 4.44
N GLY A 70 -17.20 -0.53 3.97
CA GLY A 70 -18.66 -0.56 4.01
C GLY A 70 -19.26 -1.77 3.31
N SER A 71 -18.67 -2.19 2.21
CA SER A 71 -19.21 -3.29 1.42
C SER A 71 -19.06 -4.65 2.10
N GLN A 72 -18.32 -4.70 3.19
CA GLN A 72 -18.10 -5.94 3.92
C GLN A 72 -18.95 -6.02 5.19
N ALA A 73 -19.84 -5.06 5.36
CA ALA A 73 -20.73 -5.03 6.52
C ALA A 73 -21.46 -6.36 6.68
N PRO A 74 -21.63 -6.82 7.92
CA PRO A 74 -21.25 -6.14 9.17
C PRO A 74 -19.75 -6.16 9.48
N ALA A 75 -19.02 -7.12 8.92
CA ALA A 75 -17.58 -7.23 9.21
C ALA A 75 -16.77 -6.15 8.49
N SER A 76 -17.08 -4.89 8.76
CA SER A 76 -16.47 -3.78 8.04
C SER A 76 -15.10 -3.37 8.55
N PHE A 77 -14.78 -3.75 9.79
CA PHE A 77 -13.56 -3.25 10.44
C PHE A 77 -12.52 -4.35 10.57
N ARG A 78 -11.41 -4.18 9.84
CA ARG A 78 -10.39 -5.22 9.67
C ARG A 78 -8.98 -4.66 9.79
N ALA A 79 -8.12 -5.41 10.46
CA ALA A 79 -6.68 -5.20 10.34
C ALA A 79 -6.14 -6.39 9.60
N ALA A 80 -5.77 -6.18 8.35
CA ALA A 80 -5.26 -7.23 7.49
C ALA A 80 -3.74 -7.25 7.58
N ILE A 81 -3.20 -8.40 7.98
CA ILE A 81 -1.79 -8.53 8.29
C ILE A 81 -1.12 -9.59 7.44
N ASN A 82 0.04 -9.27 6.88
CA ASN A 82 0.85 -10.27 6.20
C ASN A 82 2.30 -10.17 6.66
N ALA A 83 2.96 -11.30 6.82
CA ALA A 83 4.35 -11.31 7.22
C ALA A 83 5.14 -12.40 6.50
N ALA A 84 6.42 -12.14 6.23
CA ALA A 84 7.24 -13.12 5.52
C ALA A 84 8.63 -13.19 6.14
N TRP A 85 9.21 -14.39 6.15
CA TRP A 85 10.57 -14.62 6.66
C TRP A 85 11.45 -15.21 5.58
N SER A 86 12.76 -14.94 5.65
CA SER A 86 13.70 -15.52 4.69
C SER A 86 13.67 -17.05 4.66
N ASP A 87 13.26 -17.70 5.75
CA ASP A 87 13.31 -19.16 5.79
C ASP A 87 12.12 -19.81 5.08
N GLY A 88 11.21 -18.98 4.57
CA GLY A 88 10.07 -19.48 3.81
C GLY A 88 8.75 -19.32 4.53
N THR A 89 8.81 -19.07 5.83
CA THR A 89 7.58 -18.92 6.60
C THR A 89 6.80 -17.69 6.11
N VAL A 90 5.49 -17.85 5.98
CA VAL A 90 4.62 -16.71 5.74
C VAL A 90 3.44 -16.79 6.68
N TRP A 91 2.85 -15.64 6.96
CA TRP A 91 1.80 -15.54 7.95
C TRP A 91 0.82 -14.48 7.51
N SER A 92 -0.43 -14.87 7.38
CA SER A 92 -1.47 -13.97 6.89
C SER A 92 -2.74 -14.16 7.70
N GLN A 93 -3.26 -13.07 8.25
CA GLN A 93 -4.48 -13.14 9.03
C GLN A 93 -5.18 -11.79 9.06
N HIS A 94 -6.50 -11.85 9.13
CA HIS A 94 -7.32 -10.68 9.38
C HIS A 94 -7.76 -10.64 10.84
N LEU A 95 -7.57 -9.49 11.48
CA LEU A 95 -8.15 -9.26 12.78
C LEU A 95 -9.46 -8.51 12.59
N VAL A 96 -10.58 -9.23 12.65
CA VAL A 96 -11.90 -8.63 12.47
C VAL A 96 -12.49 -8.21 13.81
N VAL A 97 -12.81 -6.92 13.96
CA VAL A 97 -13.22 -6.34 15.24
C VAL A 97 -14.54 -5.57 15.11
N PRO A 98 -15.26 -5.38 16.24
CA PRO A 98 -16.53 -4.65 16.18
C PRO A 98 -16.40 -3.14 16.37
N VAL A 99 -15.21 -2.67 16.74
CA VAL A 99 -15.03 -1.25 16.98
C VAL A 99 -13.81 -0.69 16.26
N SER A 100 -14.01 0.42 15.55
CA SER A 100 -12.92 1.17 14.96
C SER A 100 -13.07 2.63 15.34
N VAL A 101 -12.11 3.16 16.09
CA VAL A 101 -12.16 4.57 16.43
C VAL A 101 -10.89 5.30 16.00
N VAL A 102 -11.07 6.47 15.40
CA VAL A 102 -9.93 7.30 15.03
C VAL A 102 -10.10 8.68 15.63
N THR A 103 -9.08 9.13 16.36
CA THR A 103 -9.10 10.45 16.95
C THR A 103 -8.00 11.31 16.38
N SER A 104 -8.20 12.63 16.40
CA SER A 104 -7.17 13.56 16.00
C SER A 104 -7.06 14.70 17.02
N ASP A 105 -5.88 14.85 17.61
CA ASP A 105 -5.67 15.83 18.67
C ASP A 105 -5.13 17.15 18.15
N GLY A 106 -5.88 18.21 18.40
CA GLY A 106 -5.46 19.54 18.00
C GLY A 106 -6.62 20.24 17.35
N PRO A 107 -6.51 21.56 17.15
CA PRO A 107 -7.59 22.34 16.54
C PRO A 107 -7.74 22.04 15.04
N ASP A 108 -6.64 21.69 14.38
CA ASP A 108 -6.64 21.47 12.93
C ASP A 108 -6.80 19.98 12.58
N VAL A 109 -7.95 19.62 12.03
CA VAL A 109 -8.29 18.22 11.73
C VAL A 109 -7.40 17.56 10.65
N GLY A 110 -6.66 18.38 9.91
CA GLY A 110 -5.73 17.87 8.93
C GLY A 110 -4.30 17.86 9.42
N HIS A 111 -4.08 18.33 10.65
CA HIS A 111 -2.72 18.47 11.17
C HIS A 111 -2.62 18.23 12.67
N GLY A 112 -3.08 17.07 13.13
CA GLY A 112 -3.02 16.74 14.54
C GLY A 112 -2.48 15.34 14.77
N HIS A 113 -2.13 15.05 16.02
CA HIS A 113 -1.70 13.71 16.39
C HIS A 113 -2.87 12.74 16.29
N VAL A 114 -2.70 11.71 15.47
CA VAL A 114 -3.78 10.79 15.15
C VAL A 114 -3.59 9.43 15.79
N ALA A 115 -4.66 8.87 16.35
CA ALA A 115 -4.63 7.54 16.91
C ALA A 115 -5.80 6.72 16.41
N GLY A 116 -5.53 5.51 15.94
CA GLY A 116 -6.57 4.61 15.50
C GLY A 116 -6.56 3.35 16.33
N VAL A 117 -7.74 2.84 16.66
CA VAL A 117 -7.84 1.60 17.42
C VAL A 117 -8.93 0.71 16.85
N TRP A 118 -8.52 -0.44 16.34
CA TRP A 118 -9.42 -1.47 15.88
C TRP A 118 -9.43 -2.47 17.02
N ARG A 119 -10.60 -2.71 17.61
CA ARG A 119 -10.65 -3.48 18.86
C ARG A 119 -12.01 -4.10 19.20
N THR A 120 -11.97 -5.07 20.11
CA THR A 120 -13.18 -5.58 20.74
C THR A 120 -13.60 -4.58 21.83
N GLU A 121 -14.75 -4.81 22.45
CA GLU A 121 -15.27 -3.82 23.40
C GLU A 121 -14.75 -4.05 24.81
N THR A 129 -11.31 -14.75 24.16
CA THR A 129 -10.83 -13.94 23.04
C THR A 129 -10.78 -12.46 23.40
N ARG A 130 -9.91 -11.73 22.70
CA ARG A 130 -9.67 -10.32 22.94
C ARG A 130 -8.71 -9.77 21.87
N THR A 131 -9.04 -8.64 21.27
CA THR A 131 -8.23 -8.13 20.17
C THR A 131 -8.07 -6.61 20.15
N THR A 132 -6.83 -6.15 20.13
CA THR A 132 -6.54 -4.75 19.96
C THR A 132 -5.44 -4.56 18.92
N ALA A 133 -5.70 -3.69 17.96
CA ALA A 133 -4.69 -3.30 16.97
C ALA A 133 -4.80 -1.80 16.82
N SER A 134 -3.68 -1.11 16.97
CA SER A 134 -3.75 0.33 17.03
C SER A 134 -2.62 1.01 16.27
N PHE A 135 -2.86 2.20 15.76
CA PHE A 135 -1.77 2.99 15.23
C PHE A 135 -1.79 4.41 15.78
N ASP A 136 -0.62 5.04 15.75
CA ASP A 136 -0.42 6.40 16.21
C ASP A 136 0.51 7.10 15.24
N VAL A 137 0.13 8.30 14.81
CA VAL A 137 0.96 9.09 13.94
C VAL A 137 1.14 10.48 14.52
N ALA A 138 2.39 10.94 14.60
CA ALA A 138 2.68 12.28 15.10
C ALA A 138 2.01 13.33 14.20
N ALA A 139 1.62 14.46 14.80
CA ALA A 139 1.03 15.56 14.04
C ALA A 139 2.02 16.01 12.98
N ASP A 140 3.28 15.84 13.34
CA ASP A 140 4.45 16.09 12.52
C ASP A 140 4.59 15.23 11.26
N LEU A 141 3.92 14.08 11.27
CA LEU A 141 4.20 12.96 10.35
C LEU A 141 5.64 12.47 10.49
N SER A 142 6.26 12.77 11.62
CA SER A 142 7.67 12.43 11.80
C SER A 142 7.83 10.99 12.27
N THR A 143 6.83 10.46 12.97
CA THR A 143 6.89 9.09 13.48
C THR A 143 5.54 8.40 13.47
N THR A 144 5.58 7.08 13.50
CA THR A 144 4.41 6.28 13.73
C THR A 144 4.73 5.16 14.70
N THR A 145 3.68 4.64 15.31
CA THR A 145 3.74 3.45 16.12
C THR A 145 2.53 2.59 15.84
N VAL A 146 2.76 1.31 15.54
CA VAL A 146 1.67 0.37 15.40
C VAL A 146 1.83 -0.71 16.46
N VAL A 147 0.75 -1.04 17.15
CA VAL A 147 0.83 -2.02 18.24
C VAL A 147 -0.25 -3.08 18.14
N PHE A 148 0.16 -4.34 18.24
CA PHE A 148 -0.79 -5.45 18.25
C PHE A 148 -0.86 -6.09 19.62
N ASP A 149 -2.09 -6.36 20.05
CA ASP A 149 -2.34 -7.09 21.28
C ASP A 149 -3.45 -8.07 20.99
N ALA A 150 -3.09 -9.18 20.34
CA ALA A 150 -4.07 -10.20 20.01
C ALA A 150 -3.52 -11.57 20.43
N PRO A 151 -3.69 -11.91 21.72
CA PRO A 151 -3.14 -13.14 22.33
C PRO A 151 -3.46 -14.41 21.54
N GLY A 152 -2.43 -15.22 21.30
CA GLY A 152 -2.58 -16.45 20.55
C GLY A 152 -2.59 -16.24 19.04
N ARG A 153 -2.27 -15.02 18.61
CA ARG A 153 -2.20 -14.70 17.18
C ARG A 153 -0.98 -13.83 16.87
N ILE A 154 -1.01 -12.59 17.34
CA ILE A 154 0.09 -11.67 17.11
C ILE A 154 0.17 -10.61 18.22
N THR A 155 1.38 -10.37 18.70
CA THR A 155 1.61 -9.27 19.63
C THR A 155 2.93 -8.61 19.31
N GLY A 156 3.01 -7.31 19.57
CA GLY A 156 4.24 -6.61 19.35
C GLY A 156 4.01 -5.29 18.65
N SER A 157 5.08 -4.67 18.20
CA SER A 157 4.98 -3.34 17.64
C SER A 157 5.78 -3.14 16.36
N LEU A 158 5.38 -2.11 15.61
CA LEU A 158 6.12 -1.59 14.48
C LEU A 158 6.27 -0.09 14.70
N THR A 159 7.40 0.48 14.31
CA THR A 159 7.53 1.93 14.34
C THR A 159 8.16 2.46 13.06
N HIS A 160 7.84 3.70 12.73
CA HIS A 160 8.48 4.43 11.65
C HIS A 160 9.18 5.67 12.20
N ARG A 161 10.36 5.95 11.68
CA ARG A 161 10.95 7.27 11.79
C ARG A 161 11.09 7.83 10.38
N SER A 162 10.29 8.85 10.06
CA SER A 162 10.27 9.40 8.70
C SER A 162 11.61 9.97 8.26
N LEU A 163 11.99 9.71 7.01
CA LEU A 163 13.20 10.33 6.48
C LEU A 163 12.91 11.69 5.86
N GLY A 164 11.68 12.17 5.96
CA GLY A 164 11.36 13.51 5.48
C GLY A 164 11.28 13.73 3.98
N TYR A 165 11.04 12.68 3.20
CA TYR A 165 10.87 12.82 1.76
C TYR A 165 9.65 13.69 1.46
N PRO A 166 9.73 14.55 0.44
CA PRO A 166 8.56 15.27 -0.04
C PRO A 166 7.49 14.30 -0.56
N THR A 167 6.23 14.46 -0.19
CA THR A 167 5.22 13.46 -0.56
C THR A 167 3.75 13.93 -0.57
N LEU A 168 3.42 14.96 0.19
CA LEU A 168 2.00 15.29 0.41
C LEU A 168 1.37 15.93 -0.83
N PRO A 169 0.12 15.53 -1.14
CA PRO A 169 -0.57 16.09 -2.31
C PRO A 169 -0.99 17.53 -2.05
N GLN A 170 -0.77 18.38 -3.05
CA GLN A 170 -1.08 19.79 -2.91
C GLN A 170 -2.43 20.13 -3.51
N SER A 171 -3.11 19.13 -4.06
CA SER A 171 -4.41 19.30 -4.69
C SER A 171 -5.16 17.99 -4.68
N ASP A 172 -6.46 18.03 -4.99
CA ASP A 172 -7.24 16.82 -5.16
C ASP A 172 -6.59 15.90 -6.19
N ARG A 173 -6.14 16.47 -7.29
CA ARG A 173 -5.53 15.70 -8.39
C ARG A 173 -4.33 14.89 -7.90
N GLU A 174 -3.46 15.53 -7.12
CA GLU A 174 -2.26 14.85 -6.62
C GLU A 174 -2.56 13.75 -5.60
N ALA A 175 -3.76 13.73 -5.04
CA ALA A 175 -4.13 12.70 -4.08
C ALA A 175 -4.80 11.50 -4.77
N GLU A 176 -5.23 11.70 -6.01
CA GLU A 176 -5.98 10.68 -6.72
C GLU A 176 -5.10 9.52 -7.13
N VAL A 177 -5.67 8.33 -7.12
CA VAL A 177 -5.07 7.16 -7.75
C VAL A 177 -5.92 6.78 -8.98
N ALA A 178 -7.11 7.38 -9.05
CA ALA A 178 -8.02 7.31 -10.20
C ALA A 178 -9.04 8.43 -9.97
N PRO A 179 -9.84 8.79 -11.00
CA PRO A 179 -10.79 9.89 -10.78
C PRO A 179 -11.68 9.67 -9.56
N GLY A 180 -11.62 10.61 -8.61
CA GLY A 180 -12.44 10.55 -7.41
C GLY A 180 -12.11 9.40 -6.47
N ALA A 181 -10.95 8.77 -6.66
CA ALA A 181 -10.48 7.73 -5.76
C ALA A 181 -9.04 8.05 -5.33
N TYR A 182 -8.72 7.81 -4.07
CA TYR A 182 -7.50 8.38 -3.51
C TYR A 182 -6.58 7.35 -2.88
N TRP A 183 -5.31 7.42 -3.24
CA TRP A 183 -4.24 6.65 -2.61
C TRP A 183 -2.96 7.44 -2.73
N PHE A 184 -2.38 7.78 -1.59
CA PHE A 184 -1.09 8.47 -1.60
C PHE A 184 -0.36 8.14 -0.30
N ARG A 185 0.78 8.79 -0.09
CA ARG A 185 1.73 8.37 0.93
C ARG A 185 2.06 9.51 1.90
N PRO A 186 1.35 9.57 3.02
CA PRO A 186 1.68 10.66 3.95
C PRO A 186 3.07 10.50 4.58
N ILE A 187 3.61 9.29 4.60
CA ILE A 187 5.04 9.13 4.84
C ILE A 187 5.63 8.21 3.79
N ALA A 188 6.44 8.79 2.90
CA ALA A 188 6.92 8.11 1.71
C ALA A 188 7.97 7.05 2.06
N MET A 189 8.85 7.39 2.99
CA MET A 189 9.99 6.56 3.33
C MET A 189 10.39 6.77 4.80
N ALA A 190 10.60 5.67 5.51
CA ALA A 190 10.93 5.75 6.92
C ALA A 190 11.91 4.65 7.34
N ASN A 191 12.80 4.98 8.26
CA ASN A 191 13.54 3.98 9.02
C ASN A 191 12.50 3.17 9.77
N ALA A 192 12.52 1.85 9.64
CA ALA A 192 11.50 1.03 10.29
C ALA A 192 12.06 0.10 11.36
N THR A 193 11.30 -0.15 12.42
CA THR A 193 11.60 -1.23 13.33
C THR A 193 10.39 -2.11 13.51
N VAL A 194 10.62 -3.40 13.77
CA VAL A 194 9.55 -4.28 14.20
C VAL A 194 10.05 -5.15 15.34
N ASP A 195 9.13 -5.51 16.21
CA ASP A 195 9.41 -6.40 17.32
C ASP A 195 8.12 -7.14 17.56
N LEU A 196 7.95 -8.27 16.87
CA LEU A 196 6.66 -8.92 16.83
C LEU A 196 6.77 -10.39 17.18
N THR A 197 5.69 -10.95 17.70
CA THR A 197 5.62 -12.37 17.94
C THR A 197 4.38 -12.93 17.28
N PHE A 198 4.56 -14.00 16.51
CA PHE A 198 3.48 -14.60 15.74
C PHE A 198 3.18 -15.99 16.25
N HIS A 199 1.90 -16.35 16.29
CA HIS A 199 1.54 -17.72 16.59
C HIS A 199 1.46 -18.52 15.30
N ILE A 200 2.39 -19.47 15.14
CA ILE A 200 2.35 -20.37 14.00
C ILE A 200 1.41 -21.51 14.31
N ASP A 201 0.20 -21.43 13.77
CA ASP A 201 -0.83 -22.41 14.07
C ASP A 201 -0.71 -23.62 13.16
N ASP A 202 0.40 -24.34 13.28
CA ASP A 202 0.64 -25.52 12.45
C ASP A 202 1.06 -26.71 13.30
N LYS A 209 1.70 -24.83 21.21
CA LYS A 209 1.49 -23.56 20.55
C LYS A 209 2.83 -22.93 20.16
N THR A 210 3.20 -23.03 18.88
CA THR A 210 4.51 -22.53 18.44
C THR A 210 4.50 -21.03 18.17
N GLU A 211 5.56 -20.35 18.59
CA GLU A 211 5.72 -18.93 18.36
C GLU A 211 6.89 -18.65 17.43
N LYS A 212 6.78 -17.57 16.66
CA LYS A 212 7.88 -17.16 15.79
C LYS A 212 8.06 -15.67 15.96
N ARG A 213 9.31 -15.22 16.04
CA ARG A 213 9.63 -13.80 16.21
C ARG A 213 10.01 -13.13 14.89
N MET A 214 9.70 -11.84 14.78
CA MET A 214 10.29 -11.02 13.73
C MET A 214 10.85 -9.76 14.35
N VAL A 215 12.15 -9.58 14.26
CA VAL A 215 12.81 -8.44 14.86
C VAL A 215 13.64 -7.71 13.82
N LEU A 216 13.37 -6.42 13.69
CA LEU A 216 14.17 -5.54 12.85
C LEU A 216 14.52 -4.32 13.67
N GLY A 217 15.81 -4.15 14.00
CA GLY A 217 16.24 -3.07 14.86
C GLY A 217 16.53 -1.78 14.11
N PRO A 218 16.66 -0.67 14.85
CA PRO A 218 16.76 0.68 14.28
C PRO A 218 18.00 0.94 13.45
N GLU A 219 19.02 0.11 13.53
CA GLU A 219 20.22 0.39 12.78
C GLU A 219 20.50 -0.66 11.71
N GLN A 220 19.47 -1.36 11.26
CA GLN A 220 19.65 -2.40 10.26
C GLN A 220 19.23 -2.00 8.86
N GLY A 221 18.82 -0.75 8.68
CA GLY A 221 18.41 -0.27 7.37
C GLY A 221 17.03 -0.76 6.94
N ALA A 222 16.25 -1.29 7.88
CA ALA A 222 14.90 -1.75 7.58
C ALA A 222 14.06 -0.52 7.24
N PHE A 223 13.14 -0.67 6.31
CA PHE A 223 12.44 0.52 5.83
C PHE A 223 10.98 0.22 5.53
N GLY A 224 10.19 1.27 5.45
CA GLY A 224 8.78 1.11 5.16
C GLY A 224 8.15 2.48 5.00
N GLY A 225 6.83 2.50 4.84
CA GLY A 225 6.11 3.74 4.64
C GLY A 225 4.72 3.70 5.22
N MET A 226 4.05 4.86 5.22
CA MET A 226 2.65 4.93 5.60
C MET A 226 1.83 5.44 4.41
N ASP A 227 0.85 4.64 4.00
CA ASP A 227 -0.02 4.95 2.87
C ASP A 227 -1.45 5.19 3.34
N ARG A 228 -2.13 6.13 2.69
CA ARG A 228 -3.50 6.50 3.05
C ARG A 228 -4.39 6.45 1.82
N SER A 229 -5.54 5.81 1.97
CA SER A 229 -6.49 5.69 0.87
C SER A 229 -7.94 5.85 1.32
N TRP A 230 -8.76 6.39 0.43
CA TRP A 230 -10.22 6.24 0.57
C TRP A 230 -10.85 6.26 -0.80
N LEU A 231 -11.84 5.39 -0.98
CA LEU A 231 -12.57 5.24 -2.23
C LEU A 231 -14.06 5.25 -1.93
N PRO A 232 -14.82 6.06 -2.68
CA PRO A 232 -16.28 6.07 -2.53
C PRO A 232 -16.92 4.81 -3.10
N MET A 233 -16.23 4.16 -4.03
CA MET A 233 -16.71 2.90 -4.63
C MET A 233 -15.67 1.80 -4.49
N VAL A 234 -16.14 0.58 -4.25
CA VAL A 234 -15.24 -0.55 -4.05
C VAL A 234 -14.44 -0.88 -5.34
N TRP A 235 -13.21 -1.37 -5.17
CA TRP A 235 -12.33 -1.59 -6.32
C TRP A 235 -12.82 -2.72 -7.23
N GLY A 236 -13.56 -3.66 -6.66
CA GLY A 236 -14.05 -4.78 -7.43
C GLY A 236 -14.87 -4.38 -8.64
N LYS A 237 -15.29 -3.12 -8.69
CA LYS A 237 -16.16 -2.72 -9.78
C LYS A 237 -15.56 -1.60 -10.61
N GLU A 238 -14.36 -1.18 -10.25
CA GLU A 238 -13.68 -0.15 -11.04
C GLU A 238 -12.40 -0.66 -11.71
N ALA A 239 -11.80 -1.73 -11.20
CA ALA A 239 -10.48 -2.15 -11.67
C ALA A 239 -10.42 -3.59 -12.16
N THR A 240 -9.45 -3.86 -13.03
CA THR A 240 -9.12 -5.21 -13.42
C THR A 240 -7.72 -5.55 -12.92
N ASP A 241 -7.00 -4.53 -12.45
CA ASP A 241 -5.61 -4.69 -12.06
C ASP A 241 -5.22 -3.60 -11.07
N ALA A 242 -4.66 -4.00 -9.94
CA ALA A 242 -4.17 -3.06 -8.93
C ALA A 242 -2.76 -3.48 -8.49
N LEU A 243 -1.76 -2.65 -8.78
CA LEU A 243 -0.39 -2.98 -8.43
C LEU A 243 0.17 -2.04 -7.35
N PHE A 244 0.63 -2.63 -6.26
CA PHE A 244 1.34 -1.88 -5.19
C PHE A 244 2.81 -2.22 -5.27
N VAL A 245 3.67 -1.21 -5.17
CA VAL A 245 5.11 -1.44 -5.10
C VAL A 245 5.73 -0.55 -4.04
N ARG A 246 6.61 -1.12 -3.22
CA ARG A 246 7.57 -0.36 -2.42
C ARG A 246 8.93 -1.05 -2.54
N ALA A 247 9.95 -0.32 -2.98
CA ALA A 247 11.26 -0.92 -3.20
C ALA A 247 12.40 0.09 -3.02
N GLN A 248 13.57 -0.41 -2.66
CA GLN A 248 14.77 0.40 -2.52
C GLN A 248 15.95 -0.28 -3.19
N ALA A 249 16.71 0.48 -3.97
CA ALA A 249 17.88 -0.06 -4.65
C ALA A 249 18.93 1.03 -4.80
N GLY A 250 20.05 0.86 -4.10
CA GLY A 250 21.08 1.89 -4.09
C GLY A 250 20.50 3.19 -3.57
N PRO A 251 20.72 4.29 -4.29
CA PRO A 251 20.14 5.59 -3.91
C PRO A 251 18.62 5.69 -4.11
N TYR A 252 18.04 4.71 -4.82
CA TYR A 252 16.66 4.87 -5.28
C TYR A 252 15.61 4.26 -4.35
N VAL A 253 14.55 5.02 -4.14
CA VAL A 253 13.38 4.56 -3.43
C VAL A 253 12.17 4.80 -4.32
N MET A 254 11.33 3.78 -4.50
CA MET A 254 10.19 3.89 -5.40
C MET A 254 8.94 3.32 -4.74
N ALA A 255 7.81 4.00 -4.93
CA ALA A 255 6.54 3.55 -4.39
C ALA A 255 5.45 3.81 -5.41
N VAL A 256 4.56 2.84 -5.56
CA VAL A 256 3.60 2.84 -6.66
C VAL A 256 2.27 2.28 -6.19
N MET A 257 1.19 2.95 -6.58
CA MET A 257 -0.13 2.32 -6.58
C MET A 257 -0.72 2.57 -7.97
N ARG A 258 -0.79 1.52 -8.82
CA ARG A 258 -1.24 1.67 -10.22
C ARG A 258 -2.53 0.89 -10.47
N LEU A 259 -3.50 1.53 -11.12
CA LEU A 259 -4.79 0.89 -11.43
C LEU A 259 -5.01 0.81 -12.93
N VAL A 260 -5.56 -0.32 -13.36
CA VAL A 260 -6.09 -0.49 -14.70
C VAL A 260 -7.59 -0.76 -14.54
N SER A 261 -8.42 0.03 -15.20
CA SER A 261 -9.86 -0.06 -14.97
C SER A 261 -10.54 -1.26 -15.62
N LYS A 262 -11.86 -1.32 -15.44
CA LYS A 262 -12.71 -2.29 -16.11
C LYS A 262 -12.86 -1.96 -17.60
N PRO A 263 -13.28 -2.93 -18.43
CA PRO A 263 -13.52 -2.66 -19.85
C PRO A 263 -14.54 -1.55 -20.10
N HIS A 264 -15.47 -1.29 -19.18
CA HIS A 264 -16.49 -0.28 -19.47
C HIS A 264 -15.90 1.11 -19.45
N LYS A 265 -14.69 1.26 -18.91
CA LYS A 265 -13.98 2.53 -19.03
C LYS A 265 -12.72 2.35 -19.87
N TYR A 266 -12.70 1.27 -20.65
CA TYR A 266 -11.66 1.07 -21.66
C TYR A 266 -10.25 0.94 -21.06
N TYR A 267 -10.17 0.21 -19.96
CA TYR A 267 -8.90 -0.09 -19.31
C TYR A 267 -8.08 1.19 -19.10
N GLN A 268 -8.73 2.21 -18.55
CA GLN A 268 -8.05 3.43 -18.11
C GLN A 268 -6.86 3.06 -17.24
N ASN A 269 -5.74 3.75 -17.46
CA ASN A 269 -4.48 3.48 -16.82
C ASN A 269 -4.15 4.65 -15.90
N THR A 270 -4.22 4.43 -14.60
CA THR A 270 -3.99 5.51 -13.64
C THR A 270 -2.98 5.11 -12.57
N VAL A 271 -2.35 6.11 -11.95
CA VAL A 271 -1.31 5.80 -10.99
C VAL A 271 -1.00 6.97 -10.04
N ASN A 272 -0.60 6.63 -8.83
CA ASN A 272 -0.03 7.60 -7.92
C ASN A 272 1.28 7.00 -7.42
N ALA A 273 2.39 7.55 -7.88
CA ALA A 273 3.67 6.92 -7.70
C ALA A 273 4.76 7.96 -7.54
N ALA A 274 5.91 7.52 -7.05
CA ALA A 274 7.03 8.42 -6.86
C ALA A 274 8.36 7.70 -6.93
N LEU A 275 9.36 8.34 -7.53
CA LEU A 275 10.72 7.85 -7.47
C LEU A 275 11.58 8.92 -6.77
N TYR A 276 12.42 8.46 -5.85
CA TYR A 276 13.34 9.32 -5.14
C TYR A 276 14.76 8.87 -5.39
N ARG A 277 15.68 9.82 -5.43
CA ARG A 277 17.10 9.51 -5.45
C ARG A 277 17.77 10.25 -4.29
N ASP A 278 18.32 9.49 -3.35
CA ASP A 278 18.85 10.03 -2.09
C ASP A 278 17.92 11.04 -1.45
N GLY A 279 16.63 10.72 -1.41
CA GLY A 279 15.67 11.56 -0.73
C GLY A 279 15.06 12.68 -1.53
N LYS A 280 15.64 13.01 -2.68
CA LYS A 280 15.06 14.01 -3.57
C LYS A 280 14.06 13.35 -4.55
N ILE A 281 12.87 13.91 -4.70
CA ILE A 281 11.89 13.35 -5.63
C ILE A 281 12.31 13.68 -7.06
N VAL A 282 12.50 12.64 -7.87
CA VAL A 282 13.00 12.86 -9.22
C VAL A 282 11.93 12.48 -10.27
N SER A 283 10.87 11.82 -9.84
CA SER A 283 9.69 11.62 -10.68
C SER A 283 8.43 11.63 -9.81
N ASN A 284 7.63 12.66 -9.97
CA ASN A 284 6.33 12.76 -9.34
C ASN A 284 5.30 12.16 -10.28
N ALA A 285 5.19 10.83 -10.26
CA ALA A 285 4.53 10.11 -11.35
C ALA A 285 3.04 9.94 -11.11
N LEU A 286 2.26 10.85 -11.67
CA LEU A 286 0.80 10.79 -11.54
C LEU A 286 0.15 10.41 -12.88
N ARG A 287 1.00 10.00 -13.82
CA ARG A 287 0.58 9.56 -15.15
C ARG A 287 1.13 8.15 -15.39
N SER A 288 0.26 7.22 -15.80
CA SER A 288 0.64 5.83 -16.06
C SER A 288 0.60 5.53 -17.57
N LEU A 289 1.73 5.08 -18.12
CA LEU A 289 1.91 4.95 -19.55
C LEU A 289 1.54 3.56 -20.07
N PRO A 290 1.12 3.48 -21.35
CA PRO A 290 0.90 2.18 -21.99
C PRO A 290 2.14 1.29 -21.81
N PRO A 291 1.94 0.06 -21.34
CA PRO A 291 3.03 -0.85 -21.01
C PRO A 291 3.95 -1.17 -22.18
N ASP A 292 3.49 -1.06 -23.43
CA ASP A 292 4.33 -1.43 -24.56
C ASP A 292 5.05 -0.24 -25.19
N ARG A 293 5.04 0.92 -24.52
CA ARG A 293 5.84 2.04 -24.96
C ARG A 293 7.20 1.98 -24.28
N ARG A 294 8.25 2.48 -24.91
CA ARG A 294 9.55 2.57 -24.25
C ARG A 294 10.32 3.77 -24.83
N ASP A 295 9.55 4.77 -25.21
CA ASP A 295 10.03 5.94 -25.92
C ASP A 295 10.60 6.99 -24.97
N THR A 296 10.98 8.15 -25.54
CA THR A 296 11.55 9.25 -24.76
C THR A 296 10.61 10.44 -24.55
N ALA A 297 9.34 10.35 -24.97
CA ALA A 297 8.45 11.47 -24.74
C ALA A 297 8.27 11.72 -23.24
N ALA A 298 8.20 12.99 -22.85
CA ALA A 298 7.97 13.33 -21.45
C ALA A 298 7.40 14.73 -21.29
N THR A 299 6.09 14.87 -21.48
CA THR A 299 5.43 16.14 -21.25
C THR A 299 4.96 16.24 -19.80
N ALA A 300 5.17 15.16 -19.05
CA ALA A 300 4.95 15.18 -17.60
C ALA A 300 5.72 14.04 -16.97
N ASP A 301 5.96 14.13 -15.66
CA ASP A 301 6.52 13.00 -14.93
C ASP A 301 5.58 11.81 -15.09
N ALA A 302 6.13 10.62 -15.26
CA ALA A 302 5.28 9.47 -15.45
C ALA A 302 5.97 8.18 -15.05
N VAL A 303 5.17 7.13 -14.85
CA VAL A 303 5.71 5.80 -14.68
C VAL A 303 4.99 4.84 -15.63
N ARG A 304 5.75 3.89 -16.18
CA ARG A 304 5.23 2.78 -16.97
C ARG A 304 5.42 1.49 -16.18
N THR A 305 4.33 0.77 -15.94
CA THR A 305 4.44 -0.53 -15.27
C THR A 305 4.19 -1.61 -16.31
N GLU A 306 5.13 -2.54 -16.49
CA GLU A 306 4.95 -3.61 -17.48
C GLU A 306 5.17 -4.98 -16.86
N LYS A 307 4.17 -5.86 -16.98
CA LYS A 307 4.34 -7.24 -16.56
C LYS A 307 5.51 -7.90 -17.31
N LEU A 308 6.38 -8.59 -16.59
CA LEU A 308 7.49 -9.34 -17.19
C LEU A 308 7.18 -10.84 -17.21
N TYR A 309 7.48 -11.49 -18.33
CA TYR A 309 7.25 -12.93 -18.50
C TYR A 309 8.55 -13.71 -18.76
N ASP A 310 9.61 -12.99 -19.13
CA ASP A 310 10.90 -13.62 -19.46
C ASP A 310 11.93 -13.41 -18.35
N GLY A 311 12.91 -14.30 -18.27
CA GLY A 311 14.00 -14.19 -17.30
C GLY A 311 13.70 -14.76 -15.93
N ASP A 312 14.55 -14.46 -14.94
CA ASP A 312 14.40 -14.99 -13.59
C ASP A 312 13.19 -14.43 -12.85
N GLY A 313 12.72 -15.19 -11.86
CA GLY A 313 11.62 -14.79 -11.01
C GLY A 313 10.57 -15.88 -10.89
N LEU A 314 9.98 -15.98 -9.71
CA LEU A 314 8.86 -16.89 -9.48
C LEU A 314 7.67 -16.52 -10.38
N VAL A 315 7.04 -17.54 -10.96
CA VAL A 315 5.85 -17.31 -11.80
C VAL A 315 4.57 -17.20 -10.97
N ALA A 316 3.84 -16.09 -11.10
CA ALA A 316 2.55 -15.94 -10.42
C ALA A 316 1.53 -16.99 -10.89
N LYS A 317 0.52 -17.25 -10.07
CA LYS A 317 -0.31 -18.45 -10.21
C LYS A 317 -1.69 -18.23 -10.82
N TYR A 318 -2.12 -16.99 -10.95
CA TYR A 318 -3.51 -16.73 -11.30
C TYR A 318 -3.66 -16.25 -12.74
N ARG A 319 -4.29 -15.10 -12.97
CA ARG A 319 -4.57 -14.69 -14.35
C ARG A 319 -3.28 -14.51 -15.15
N ASP A 320 -2.37 -13.71 -14.62
CA ASP A 320 -1.13 -13.39 -15.31
C ASP A 320 0.01 -14.22 -14.75
N LYS A 321 0.69 -14.96 -15.61
CA LYS A 321 1.81 -15.78 -15.18
C LYS A 321 3.13 -14.97 -15.26
N ASN A 322 3.16 -13.80 -14.62
CA ASN A 322 4.35 -12.94 -14.70
C ASN A 322 5.44 -13.31 -13.69
N VAL A 323 6.69 -13.08 -14.07
CA VAL A 323 7.83 -13.34 -13.20
C VAL A 323 8.25 -12.06 -12.45
N GLY A 324 7.59 -10.96 -12.75
CA GLY A 324 7.89 -9.70 -12.09
C GLY A 324 7.26 -8.53 -12.81
N TYR A 325 7.74 -7.33 -12.51
CA TYR A 325 7.28 -6.11 -13.15
C TYR A 325 8.48 -5.25 -13.53
N ARG A 326 8.38 -4.57 -14.67
CA ARG A 326 9.31 -3.51 -15.00
C ARG A 326 8.67 -2.17 -14.70
N LEU A 327 9.41 -1.33 -13.99
CA LEU A 327 9.01 0.05 -13.71
C LEU A 327 9.93 1.01 -14.45
N GLU A 328 9.36 1.79 -15.37
CA GLU A 328 10.15 2.81 -16.04
C GLU A 328 9.63 4.19 -15.62
N PHE A 329 10.44 4.94 -14.88
CA PHE A 329 10.05 6.30 -14.48
C PHE A 329 10.58 7.32 -15.47
N ARG A 330 9.77 8.33 -15.77
CA ARG A 330 10.24 9.46 -16.59
C ARG A 330 10.11 10.79 -15.86
N SER A 331 11.13 11.63 -16.06
CA SER A 331 11.08 13.01 -15.58
C SER A 331 10.85 14.01 -16.70
N ALA A 332 9.91 14.92 -16.51
CA ALA A 332 9.71 16.05 -17.44
C ALA A 332 10.65 17.24 -17.10
N GLY A 333 11.56 17.03 -16.15
CA GLY A 333 12.57 18.03 -15.83
C GLY A 333 13.51 18.27 -17.00
N PRO A 334 14.33 19.33 -16.92
CA PRO A 334 15.23 19.76 -18.00
C PRO A 334 16.17 18.67 -18.52
N GLU A 335 16.62 17.75 -17.68
CA GLU A 335 17.57 16.75 -18.14
C GLU A 335 16.90 15.53 -18.78
N ARG A 336 15.57 15.47 -18.70
CA ARG A 336 14.79 14.38 -19.32
C ARG A 336 15.30 13.00 -18.98
N GLU A 337 15.52 12.74 -17.71
CA GLU A 337 16.03 11.45 -17.27
C GLU A 337 14.94 10.39 -17.29
N LYS A 338 15.35 9.16 -17.57
CA LYS A 338 14.48 7.99 -17.42
C LYS A 338 15.20 6.99 -16.55
N TRP A 339 14.47 6.35 -15.64
CA TRP A 339 15.03 5.27 -14.86
C TRP A 339 14.22 4.01 -15.13
N SER A 340 14.89 2.86 -15.23
CA SER A 340 14.18 1.62 -15.43
C SER A 340 14.64 0.61 -14.39
N PHE A 341 13.69 -0.07 -13.75
CA PHE A 341 14.02 -1.11 -12.77
C PHE A 341 13.25 -2.39 -13.05
N ASP A 342 13.91 -3.53 -12.87
CA ASP A 342 13.21 -4.80 -12.95
C ASP A 342 13.02 -5.31 -11.55
N LEU A 343 11.77 -5.65 -11.24
CA LEU A 343 11.41 -6.15 -9.94
C LEU A 343 10.97 -7.59 -10.10
N ARG A 344 11.84 -8.53 -9.73
CA ARG A 344 11.55 -9.93 -10.04
C ARG A 344 11.16 -10.71 -8.78
N HIS A 345 10.13 -11.54 -8.95
CA HIS A 345 9.57 -12.31 -7.84
C HIS A 345 10.62 -13.22 -7.21
N HIS A 346 10.92 -12.98 -5.94
CA HIS A 346 11.95 -13.73 -5.25
C HIS A 346 11.36 -14.69 -4.21
N GLN A 347 10.33 -14.23 -3.50
CA GLN A 347 9.65 -15.05 -2.50
C GLN A 347 8.15 -14.88 -2.59
N ALA A 348 7.43 -15.99 -2.65
CA ALA A 348 5.97 -15.96 -2.68
C ALA A 348 5.44 -15.67 -1.29
N TRP A 349 4.87 -14.49 -1.09
CA TRP A 349 4.49 -14.03 0.25
C TRP A 349 3.05 -14.45 0.57
N TRP A 350 2.11 -14.04 -0.29
CA TRP A 350 0.73 -14.51 -0.16
C TRP A 350 0.16 -14.74 -1.56
N ALA A 351 -0.89 -15.56 -1.63
CA ALA A 351 -1.55 -15.84 -2.90
C ALA A 351 -2.99 -16.30 -2.62
N LYS A 352 -3.96 -15.47 -3.03
CA LYS A 352 -5.39 -15.70 -2.74
C LYS A 352 -6.22 -15.48 -4.00
N PRO A 353 -7.23 -16.35 -4.24
CA PRO A 353 -8.14 -16.12 -5.38
C PRO A 353 -8.96 -14.85 -5.19
N THR A 354 -9.28 -14.13 -6.27
CA THR A 354 -10.21 -13.00 -6.19
C THR A 354 -11.44 -13.27 -7.05
N SER A 355 -11.64 -14.53 -7.39
CA SER A 355 -12.80 -14.98 -8.17
C SER A 355 -12.85 -16.49 -8.07
N ARG A 356 -13.94 -17.07 -8.55
CA ARG A 356 -14.00 -18.51 -8.73
C ARG A 356 -12.90 -18.95 -9.72
N PRO A 357 -12.40 -20.18 -9.58
CA PRO A 357 -11.32 -20.68 -10.45
C PRO A 357 -11.75 -20.96 -11.89
N GLY A 358 -10.78 -21.25 -12.74
CA GLY A 358 -11.06 -21.50 -14.15
C GLY A 358 -10.41 -20.50 -15.08
N PRO A 359 -10.74 -20.58 -16.37
CA PRO A 359 -10.11 -19.79 -17.45
C PRO A 359 -10.18 -18.27 -17.23
N ASP A 360 -11.17 -17.79 -16.50
CA ASP A 360 -11.30 -16.35 -16.21
C ASP A 360 -10.78 -16.02 -14.80
N GLY A 361 -10.18 -17.00 -14.13
CA GLY A 361 -9.75 -16.88 -12.76
C GLY A 361 -8.74 -15.77 -12.51
N THR A 362 -8.87 -15.10 -11.37
CA THR A 362 -7.99 -14.00 -11.01
C THR A 362 -7.52 -14.15 -9.57
N GLY A 363 -6.48 -13.41 -9.19
CA GLY A 363 -5.93 -13.57 -7.87
C GLY A 363 -5.25 -12.34 -7.31
N ASN A 364 -4.79 -12.48 -6.07
CA ASN A 364 -4.18 -11.42 -5.30
C ASN A 364 -2.89 -11.98 -4.73
N SER A 365 -1.75 -11.57 -5.26
CA SER A 365 -0.48 -12.18 -4.92
C SER A 365 0.52 -11.16 -4.37
N GLY A 366 1.17 -11.51 -3.28
CA GLY A 366 2.21 -10.67 -2.71
C GLY A 366 3.55 -11.33 -2.94
N PHE A 367 4.56 -10.52 -3.19
CA PHE A 367 5.92 -11.00 -3.38
C PHE A 367 6.93 -10.10 -2.68
N VAL A 368 7.99 -10.70 -2.16
CA VAL A 368 9.24 -9.99 -1.95
C VAL A 368 9.96 -10.05 -3.28
N VAL A 369 10.39 -8.90 -3.79
CA VAL A 369 11.03 -8.84 -5.10
C VAL A 369 12.51 -8.43 -5.02
N GLU A 370 13.30 -8.95 -5.94
CA GLU A 370 14.67 -8.49 -6.13
C GLU A 370 14.70 -7.40 -7.21
N VAL A 371 15.40 -6.32 -6.92
CA VAL A 371 15.34 -5.10 -7.73
C VAL A 371 16.68 -4.84 -8.39
N THR A 372 16.67 -4.63 -9.71
CA THR A 372 17.86 -4.23 -10.44
C THR A 372 17.52 -3.08 -11.39
N GLY A 373 18.52 -2.29 -11.76
CA GLY A 373 18.34 -1.26 -12.79
C GLY A 373 19.02 0.06 -12.46
N GLY A 374 18.43 1.15 -12.93
CA GLY A 374 19.03 2.46 -12.70
C GLY A 374 18.75 3.44 -13.80
N LEU A 375 19.56 4.49 -13.89
CA LEU A 375 19.38 5.57 -14.87
C LEU A 375 19.63 5.07 -16.28
N VAL A 376 18.63 5.23 -17.16
CA VAL A 376 18.74 4.78 -18.54
C VAL A 376 19.79 5.61 -19.28
N GLY A 377 20.62 4.94 -20.07
CA GLY A 377 21.67 5.59 -20.83
C GLY A 377 22.96 5.76 -20.03
N SER A 378 22.99 5.17 -18.85
CA SER A 378 24.19 5.22 -18.03
C SER A 378 24.69 3.83 -17.76
N GLU A 379 25.84 3.75 -17.10
CA GLU A 379 26.41 2.46 -16.69
C GLU A 379 25.84 2.02 -15.35
N GLU A 380 24.92 2.81 -14.80
CA GLU A 380 24.38 2.52 -13.48
C GLU A 380 23.67 1.17 -13.43
N SER A 381 23.98 0.39 -12.40
CA SER A 381 23.33 -0.89 -12.22
C SER A 381 23.17 -1.16 -10.74
N VAL A 382 22.10 -0.66 -10.13
CA VAL A 382 21.98 -0.81 -8.68
C VAL A 382 21.26 -2.10 -8.34
N HIS A 383 21.32 -2.49 -7.08
CA HIS A 383 20.67 -3.73 -6.64
C HIS A 383 19.96 -3.50 -5.33
N GLY A 384 18.80 -4.12 -5.15
CA GLY A 384 18.06 -3.93 -3.93
C GLY A 384 16.87 -4.86 -3.80
N TRP A 385 15.96 -4.48 -2.91
CA TRP A 385 14.87 -5.33 -2.50
C TRP A 385 13.59 -4.52 -2.31
N GLY A 386 12.45 -5.19 -2.42
CA GLY A 386 11.18 -4.52 -2.29
C GLY A 386 10.04 -5.51 -2.12
N MET A 387 8.83 -4.99 -2.18
CA MET A 387 7.65 -5.82 -2.17
C MET A 387 6.68 -5.36 -3.23
N THR A 388 5.88 -6.30 -3.74
CA THR A 388 4.80 -5.96 -4.63
C THR A 388 3.52 -6.64 -4.15
N GLY A 389 2.39 -5.96 -4.36
CA GLY A 389 1.08 -6.56 -4.21
C GLY A 389 0.45 -6.51 -5.59
N GLU A 390 0.10 -7.68 -6.13
CA GLU A 390 -0.31 -7.79 -7.52
C GLU A 390 -1.73 -8.34 -7.59
N VAL A 391 -2.69 -7.44 -7.76
CA VAL A 391 -4.08 -7.79 -7.67
C VAL A 391 -4.75 -7.80 -9.03
N GLU A 392 -5.43 -8.89 -9.34
CA GLU A 392 -6.20 -9.01 -10.57
C GLU A 392 -7.68 -9.12 -10.24
N LEU A 393 -8.53 -8.50 -11.05
CA LEU A 393 -9.97 -8.61 -10.86
C LEU A 393 -10.64 -8.90 -12.20
N SER A 394 -11.82 -9.53 -12.15
CA SER A 394 -12.48 -9.99 -13.37
C SER A 394 -12.82 -8.85 -14.34
N ASP A 395 -12.86 -9.18 -15.62
CA ASP A 395 -13.19 -8.20 -16.64
C ASP A 395 -14.68 -7.79 -16.62
N GLY A 396 -15.52 -8.57 -15.94
CA GLY A 396 -16.93 -8.22 -15.81
C GLY A 396 -17.79 -8.53 -17.02
N HIS A 397 -19.11 -8.41 -16.87
CA HIS A 397 -20.08 -8.62 -17.96
C HIS A 397 -20.29 -7.33 -18.74
N HIS A 398 -20.37 -7.40 -20.07
CA HIS A 398 -20.72 -6.21 -20.87
C HIS A 398 -22.22 -5.92 -20.88
#